data_8U4Z
#
_entry.id   8U4Z
#
_cell.length_a   1.00
_cell.length_b   1.00
_cell.length_c   1.00
_cell.angle_alpha   90.00
_cell.angle_beta   90.00
_cell.angle_gamma   90.00
#
_symmetry.space_group_name_H-M   'P 1'
#
loop_
_entity.id
_entity.type
_entity.pdbx_description
1 polymer 'Family 1 encapsulin-associated DyP peroxidase'
2 non-polymer Mesoheme
#
_entity_poly.entity_id   1
_entity_poly.type   'polypeptide(L)'
_entity_poly.pdbx_seq_one_letter_code
;MACPISQSVSQPVDERLTRAAIFLVVTINPGKAAEVAVRTLCGTLSSLVRGVGFRILDGGLSCVMGVSSGGWERLFGDEK
PEYLHVFQEINGVHHAPSTPGDLLFHIRAARMDLCFELASRILSDLGSSVCVVDSVQGFRYFDDRDLLGFVDGTENPVAQ
AAVDATLIGEEDHTFSGGSYVIVQKYLHDLDKWNAIPVEQQEKIIGREKLSDIELKDADKPSYAHNVLTSIEEDGEDVDI
LRDNMPFGDPGKGEFGTYFIGYSRKPARIERMLENMFVGNPPGNYDRILDVSRAITGTLFFIPTVSFLDSVEPQPSVSQQ
TDDAKYIYDSPGTKGESGSLNIGSLKKEVQDEENLYFQGGSGGHHHHHHH
;
_entity_poly.pdbx_strand_id   A
#
# COMPACT_ATOMS: atom_id res chain seq x y z
N CYS A 3 20.93 -3.40 15.36
CA CYS A 3 19.65 -4.08 15.10
C CYS A 3 18.50 -3.09 15.11
N PRO A 4 18.30 -2.40 13.99
CA PRO A 4 17.21 -1.41 13.91
C PRO A 4 15.85 -2.10 13.91
N ILE A 5 15.00 -1.70 14.85
CA ILE A 5 13.65 -2.25 14.92
C ILE A 5 12.84 -1.66 13.77
N SER A 6 12.18 -2.52 13.01
CA SER A 6 11.42 -2.11 11.84
C SER A 6 9.94 -1.96 12.17
N GLN A 7 9.25 -1.19 11.32
CA GLN A 7 7.82 -0.99 11.50
C GLN A 7 7.06 -2.27 11.20
N SER A 8 5.83 -2.35 11.71
CA SER A 8 4.98 -3.51 11.50
C SER A 8 4.44 -3.48 10.07
N VAL A 9 5.29 -3.91 9.14
CA VAL A 9 4.92 -3.91 7.73
C VAL A 9 4.29 -5.24 7.32
N SER A 10 4.96 -6.35 7.62
CA SER A 10 4.46 -7.66 7.27
C SER A 10 3.76 -8.37 8.42
N GLN A 11 4.08 -8.01 9.66
CA GLN A 11 3.45 -8.66 10.82
C GLN A 11 1.93 -8.56 10.76
N PRO A 12 1.31 -7.37 10.64
CA PRO A 12 -0.17 -7.32 10.64
C PRO A 12 -0.79 -8.25 9.62
N VAL A 13 -0.30 -8.23 8.38
CA VAL A 13 -0.83 -9.11 7.34
C VAL A 13 -0.74 -10.57 7.77
N ASP A 14 0.43 -10.99 8.24
CA ASP A 14 0.63 -12.38 8.65
C ASP A 14 -0.23 -12.76 9.86
N GLU A 15 -0.64 -11.80 10.68
CA GLU A 15 -1.48 -12.13 11.83
C GLU A 15 -2.95 -12.29 11.45
N ARG A 16 -3.41 -11.59 10.40
CA ARG A 16 -4.77 -11.72 9.88
C ARG A 16 -5.84 -11.34 10.91
N LEU A 17 -5.83 -10.06 11.27
CA LEU A 17 -6.80 -9.54 12.24
C LEU A 17 -7.31 -8.16 11.85
N THR A 18 -6.95 -7.64 10.68
CA THR A 18 -7.35 -6.30 10.29
C THR A 18 -8.73 -6.34 9.66
N ARG A 19 -9.69 -5.67 10.29
CA ARG A 19 -11.02 -5.54 9.72
C ARG A 19 -11.24 -4.18 9.09
N ALA A 20 -10.53 -3.15 9.57
CA ALA A 20 -10.66 -1.79 9.10
C ALA A 20 -9.30 -1.15 8.91
N ALA A 21 -9.25 -0.18 8.00
CA ALA A 21 -8.02 0.52 7.72
C ALA A 21 -8.33 1.95 7.33
N ILE A 22 -7.37 2.83 7.55
CA ILE A 22 -7.46 4.22 7.13
C ILE A 22 -6.17 4.56 6.39
N PHE A 23 -6.32 5.17 5.22
CA PHE A 23 -5.22 5.56 4.34
C PHE A 23 -5.22 7.08 4.28
N LEU A 24 -4.35 7.71 5.06
CA LEU A 24 -4.24 9.16 5.13
C LEU A 24 -2.99 9.63 4.38
N VAL A 25 -3.19 10.44 3.35
CA VAL A 25 -2.11 11.00 2.56
C VAL A 25 -2.19 12.52 2.68
N VAL A 26 -1.12 13.13 3.21
CA VAL A 26 -1.08 14.56 3.48
C VAL A 26 0.17 15.19 2.87
N THR A 27 0.14 16.51 2.76
CA THR A 27 1.28 17.31 2.31
C THR A 27 1.63 18.32 3.38
N ILE A 28 2.92 18.59 3.55
CA ILE A 28 3.38 19.56 4.53
C ILE A 28 3.22 20.97 3.96
N ASN A 29 2.62 21.86 4.73
CA ASN A 29 2.45 23.25 4.33
C ASN A 29 3.78 23.99 4.40
N PRO A 30 3.95 25.05 3.62
CA PRO A 30 5.22 25.80 3.64
C PRO A 30 5.53 26.38 5.01
N GLY A 31 6.81 26.41 5.33
CA GLY A 31 7.29 26.93 6.59
C GLY A 31 8.15 25.91 7.32
N LYS A 32 8.74 26.39 8.42
CA LYS A 32 9.59 25.55 9.26
C LYS A 32 8.85 25.03 10.47
N ALA A 33 7.82 25.75 10.94
CA ALA A 33 7.00 25.25 12.02
C ALA A 33 6.28 23.97 11.61
N ALA A 34 5.90 23.88 10.33
CA ALA A 34 5.30 22.67 9.82
C ALA A 34 6.27 21.49 9.92
N GLU A 35 7.53 21.71 9.54
CA GLU A 35 8.54 20.66 9.63
C GLU A 35 8.80 20.26 11.08
N VAL A 36 8.82 21.24 11.99
CA VAL A 36 9.02 20.94 13.41
C VAL A 36 7.86 20.10 13.96
N ALA A 37 6.62 20.45 13.59
CA ALA A 37 5.48 19.68 14.04
C ALA A 37 5.50 18.26 13.49
N VAL A 38 5.88 18.10 12.22
CA VAL A 38 5.96 16.78 11.63
C VAL A 38 7.02 15.95 12.35
N ARG A 39 8.17 16.57 12.66
CA ARG A 39 9.24 15.87 13.36
C ARG A 39 8.83 15.46 14.77
N THR A 40 8.08 16.33 15.47
CA THR A 40 7.59 15.97 16.79
C THR A 40 6.65 14.76 16.72
N LEU A 41 5.78 14.75 15.70
CA LEU A 41 4.90 13.60 15.53
C LEU A 41 5.69 12.34 15.20
N CYS A 42 6.73 12.46 14.38
CA CYS A 42 7.59 11.32 14.10
C CYS A 42 8.19 10.77 15.40
N GLY A 43 8.58 11.66 16.30
CA GLY A 43 9.12 11.23 17.57
C GLY A 43 8.10 10.52 18.45
N THR A 44 6.87 10.99 18.49
CA THR A 44 5.89 10.48 19.44
C THR A 44 4.86 9.52 18.85
N LEU A 45 5.02 9.10 17.59
CA LEU A 45 4.00 8.27 16.94
C LEU A 45 3.86 6.89 17.58
N SER A 46 4.97 6.24 17.94
CA SER A 46 4.87 4.92 18.55
C SER A 46 4.17 4.97 19.90
N SER A 47 4.50 5.98 20.71
CA SER A 47 3.82 6.16 21.98
C SER A 47 2.34 6.43 21.78
N LEU A 48 2.00 7.22 20.75
CA LEU A 48 0.59 7.49 20.45
C LEU A 48 -0.15 6.22 20.09
N VAL A 49 0.46 5.37 19.28
CA VAL A 49 -0.17 4.11 18.89
C VAL A 49 -0.38 3.23 20.13
N ARG A 50 0.63 3.13 21.00
CA ARG A 50 0.47 2.35 22.22
C ARG A 50 -0.63 2.91 23.11
N GLY A 51 -0.69 4.23 23.27
CA GLY A 51 -1.71 4.81 24.12
C GLY A 51 -3.11 4.69 23.56
N VAL A 52 -3.24 4.59 22.24
CA VAL A 52 -4.58 4.45 21.68
C VAL A 52 -5.02 2.98 21.72
N GLY A 53 -4.11 2.07 21.44
CA GLY A 53 -4.49 0.68 21.22
C GLY A 53 -4.23 -0.30 22.33
N PHE A 54 -3.61 0.14 23.44
CA PHE A 54 -3.23 -0.81 24.49
C PHE A 54 -4.42 -1.36 25.26
N ARG A 55 -5.34 -0.48 25.68
CA ARG A 55 -6.47 -0.94 26.49
C ARG A 55 -7.35 -1.95 25.77
N ILE A 56 -7.36 -1.98 24.45
CA ILE A 56 -8.23 -2.88 23.70
C ILE A 56 -7.50 -4.18 23.42
N LEU A 57 -7.81 -5.21 24.21
CA LEU A 57 -7.25 -6.54 23.97
C LEU A 57 -7.73 -7.04 22.62
N ASP A 58 -6.81 -7.57 21.81
CA ASP A 58 -7.16 -8.07 20.48
C ASP A 58 -7.65 -6.95 19.56
N GLY A 59 -7.15 -5.74 19.73
CA GLY A 59 -7.55 -4.67 18.85
C GLY A 59 -6.70 -4.61 17.60
N GLY A 60 -5.50 -5.15 17.66
CA GLY A 60 -4.58 -5.19 16.54
C GLY A 60 -4.27 -3.88 15.87
N LEU A 61 -4.29 -2.77 16.61
CA LEU A 61 -3.99 -1.47 16.02
C LEU A 61 -2.51 -1.36 15.65
N SER A 62 -2.26 -0.76 14.49
CA SER A 62 -0.91 -0.52 14.00
C SER A 62 -0.97 0.61 12.99
N CYS A 63 0.12 1.36 12.92
CA CYS A 63 0.23 2.46 11.98
C CYS A 63 1.60 2.40 11.32
N VAL A 64 1.62 2.68 10.01
CA VAL A 64 2.86 2.71 9.24
C VAL A 64 2.96 4.08 8.62
N MET A 65 4.07 4.76 8.87
CA MET A 65 4.31 6.10 8.36
C MET A 65 5.37 6.07 7.27
N GLY A 66 5.09 6.77 6.18
CA GLY A 66 6.00 6.82 5.06
C GLY A 66 6.18 8.23 4.57
N VAL A 67 7.37 8.50 4.08
CA VAL A 67 7.74 9.83 3.60
C VAL A 67 8.09 9.72 2.12
N SER A 68 7.61 10.66 1.33
CA SER A 68 7.93 10.68 -0.09
C SER A 68 9.28 11.35 -0.32
N SER A 69 9.64 11.51 -1.60
CA SER A 69 10.91 12.15 -1.95
C SER A 69 10.90 13.63 -1.57
N GLY A 70 9.81 14.33 -1.91
CA GLY A 70 9.73 15.73 -1.52
C GLY A 70 9.70 15.87 -0.02
N GLY A 71 8.94 15.00 0.66
CA GLY A 71 8.90 15.04 2.10
C GLY A 71 10.29 14.88 2.69
N TRP A 72 11.03 13.88 2.21
CA TRP A 72 12.37 13.63 2.71
C TRP A 72 13.25 14.86 2.51
N GLU A 73 13.21 15.41 1.29
CA GLU A 73 14.01 16.59 0.98
C GLU A 73 13.74 17.72 1.95
N ARG A 74 12.48 17.90 2.33
CA ARG A 74 12.11 19.00 3.19
C ARG A 74 12.27 18.74 4.68
N LEU A 75 12.26 17.49 5.15
CA LEU A 75 12.30 17.25 6.59
C LEU A 75 13.65 16.77 7.09
N PHE A 76 14.36 16.00 6.26
CA PHE A 76 15.68 15.46 6.58
C PHE A 76 16.70 16.03 5.61
N GLY A 77 17.88 15.43 5.53
CA GLY A 77 18.93 15.97 4.71
C GLY A 77 18.95 15.54 3.26
N ASP A 78 20.12 15.16 2.76
CA ASP A 78 20.30 14.75 1.39
C ASP A 78 20.72 13.29 1.26
N GLU A 79 21.01 12.62 2.36
CA GLU A 79 21.33 11.20 2.32
C GLU A 79 20.03 10.43 2.09
N LYS A 80 19.39 10.69 0.96
CA LYS A 80 18.14 10.03 0.63
C LYS A 80 18.35 8.53 0.47
N PRO A 81 17.31 7.72 0.69
CA PRO A 81 17.42 6.29 0.44
C PRO A 81 17.66 6.02 -1.04
N GLU A 82 18.20 4.85 -1.32
CA GLU A 82 18.66 4.52 -2.68
C GLU A 82 17.58 4.68 -3.73
N TYR A 83 16.39 4.13 -3.49
CA TYR A 83 15.36 4.12 -4.51
C TYR A 83 14.19 5.03 -4.18
N LEU A 84 14.42 6.05 -3.38
CA LEU A 84 13.37 7.02 -3.07
C LEU A 84 13.37 8.10 -4.16
N HIS A 85 12.33 8.09 -4.98
CA HIS A 85 12.16 9.03 -6.08
C HIS A 85 10.67 9.24 -6.31
N VAL A 86 10.36 10.23 -7.14
CA VAL A 86 8.97 10.51 -7.47
C VAL A 86 8.42 9.40 -8.34
N PHE A 87 7.23 8.91 -8.01
CA PHE A 87 6.59 7.85 -8.78
C PHE A 87 6.33 8.34 -10.20
N GLN A 88 6.67 7.51 -11.19
CA GLN A 88 6.58 7.87 -12.60
C GLN A 88 5.27 7.40 -13.21
N GLU A 89 4.57 8.31 -13.91
CA GLU A 89 3.30 7.96 -14.53
C GLU A 89 3.52 7.03 -15.71
N ILE A 90 2.54 6.16 -15.97
CA ILE A 90 2.63 5.14 -17.02
C ILE A 90 1.61 5.44 -18.09
N ASN A 91 2.02 5.35 -19.35
CA ASN A 91 1.09 5.58 -20.44
C ASN A 91 1.09 4.45 -21.46
N GLY A 92 0.27 3.43 -21.23
CA GLY A 92 0.15 2.33 -22.18
C GLY A 92 -1.30 2.21 -22.59
N VAL A 93 -1.80 0.98 -22.68
CA VAL A 93 -3.22 0.79 -22.99
C VAL A 93 -4.04 1.54 -21.96
N HIS A 94 -3.52 1.63 -20.73
CA HIS A 94 -4.20 2.34 -19.67
C HIS A 94 -3.26 3.33 -19.03
N HIS A 95 -3.82 4.33 -18.36
CA HIS A 95 -2.99 5.38 -17.76
C HIS A 95 -2.89 5.20 -16.24
N ALA A 96 -1.68 5.33 -15.71
CA ALA A 96 -1.43 5.33 -14.27
C ALA A 96 -0.91 6.69 -13.85
N PRO A 97 -1.72 7.56 -13.27
CA PRO A 97 -1.26 8.91 -12.96
C PRO A 97 -0.31 8.94 -11.76
N SER A 98 0.42 10.04 -11.67
CA SER A 98 1.28 10.33 -10.53
C SER A 98 0.68 11.51 -9.80
N THR A 99 0.32 11.32 -8.53
CA THR A 99 -0.41 12.29 -7.73
C THR A 99 0.44 12.76 -6.56
N PRO A 100 0.16 13.94 -6.02
CA PRO A 100 0.98 14.46 -4.92
C PRO A 100 0.84 13.68 -3.62
N GLY A 101 1.59 14.10 -2.61
CA GLY A 101 1.55 13.44 -1.32
C GLY A 101 2.93 13.40 -0.69
N ASP A 102 3.05 13.82 0.56
CA ASP A 102 4.34 13.87 1.24
C ASP A 102 4.43 12.92 2.41
N LEU A 103 3.36 12.74 3.15
CA LEU A 103 3.31 11.81 4.27
C LEU A 103 2.16 10.85 4.09
N LEU A 104 2.42 9.59 4.44
CA LEU A 104 1.42 8.54 4.35
C LEU A 104 1.28 7.84 5.69
N PHE A 105 0.04 7.72 6.16
CA PHE A 105 -0.28 6.98 7.37
C PHE A 105 -1.18 5.83 6.96
N HIS A 106 -0.76 4.63 7.28
CA HIS A 106 -1.49 3.41 6.92
C HIS A 106 -1.89 2.76 8.25
N ILE A 107 -3.08 3.10 8.72
CA ILE A 107 -3.58 2.63 10.01
C ILE A 107 -4.43 1.40 9.79
N ARG A 108 -4.18 0.35 10.55
CA ARG A 108 -4.98 -0.86 10.47
C ARG A 108 -5.38 -1.33 11.85
N ALA A 109 -6.61 -1.80 11.97
CA ALA A 109 -7.07 -2.35 13.23
C ALA A 109 -8.18 -3.34 12.98
N ALA A 110 -8.47 -4.14 14.00
CA ALA A 110 -9.56 -5.09 13.94
C ALA A 110 -10.91 -4.42 14.14
N ARG A 111 -10.92 -3.11 14.35
CA ARG A 111 -12.12 -2.33 14.58
C ARG A 111 -11.92 -0.95 13.97
N MET A 112 -13.04 -0.32 13.63
CA MET A 112 -12.96 0.99 12.99
C MET A 112 -12.66 2.10 13.99
N ASP A 113 -13.21 2.03 15.22
CA ASP A 113 -13.01 3.12 16.17
C ASP A 113 -11.54 3.34 16.52
N LEU A 114 -10.74 2.28 16.59
CA LEU A 114 -9.32 2.47 16.86
C LEU A 114 -8.65 3.26 15.75
N CYS A 115 -8.91 2.91 14.49
CA CYS A 115 -8.34 3.66 13.38
C CYS A 115 -8.83 5.09 13.39
N PHE A 116 -10.11 5.29 13.68
CA PHE A 116 -10.69 6.63 13.75
C PHE A 116 -10.02 7.47 14.83
N GLU A 117 -9.83 6.89 16.01
CA GLU A 117 -9.23 7.60 17.12
C GLU A 117 -7.76 7.92 16.85
N LEU A 118 -7.02 6.97 16.29
CA LEU A 118 -5.62 7.23 15.97
C LEU A 118 -5.49 8.32 14.90
N ALA A 119 -6.33 8.28 13.88
CA ALA A 119 -6.29 9.32 12.86
C ALA A 119 -6.67 10.68 13.43
N SER A 120 -7.65 10.71 14.33
CA SER A 120 -8.03 11.96 14.97
C SER A 120 -6.89 12.52 15.81
N ARG A 121 -6.21 11.66 16.56
CA ARG A 121 -5.08 12.09 17.37
C ARG A 121 -3.93 12.58 16.49
N ILE A 122 -3.65 11.89 15.39
CA ILE A 122 -2.56 12.29 14.49
C ILE A 122 -2.87 13.65 13.88
N LEU A 123 -4.10 13.84 13.42
CA LEU A 123 -4.44 15.09 12.76
C LEU A 123 -4.60 16.25 13.74
N SER A 124 -4.91 15.95 15.00
CA SER A 124 -4.99 17.02 15.99
C SER A 124 -3.61 17.44 16.46
N ASP A 125 -2.62 16.54 16.42
CA ASP A 125 -1.25 16.87 16.76
C ASP A 125 -0.50 17.50 15.61
N LEU A 126 -1.13 17.66 14.46
CA LEU A 126 -0.50 18.28 13.32
C LEU A 126 -1.10 19.63 12.99
N GLY A 127 -2.36 19.86 13.35
CA GLY A 127 -2.98 21.16 13.14
C GLY A 127 -2.99 21.59 11.69
N SER A 128 -2.56 22.82 11.47
CA SER A 128 -2.50 23.42 10.14
C SER A 128 -1.14 23.22 9.49
N SER A 129 -0.26 22.45 10.11
CA SER A 129 1.05 22.21 9.51
C SER A 129 0.96 21.37 8.26
N VAL A 130 -0.13 20.62 8.09
CA VAL A 130 -0.31 19.74 6.95
C VAL A 130 -1.65 20.04 6.30
N CYS A 131 -1.81 19.48 5.10
CA CYS A 131 -3.04 19.56 4.34
C CYS A 131 -3.38 18.13 3.97
N VAL A 132 -4.65 17.83 3.80
CA VAL A 132 -5.03 16.45 3.52
C VAL A 132 -5.32 16.31 2.03
N VAL A 133 -4.70 15.30 1.43
CA VAL A 133 -4.80 15.06 0.01
C VAL A 133 -5.64 13.83 -0.28
N ASP A 134 -5.72 12.90 0.66
CA ASP A 134 -6.45 11.67 0.43
C ASP A 134 -6.75 11.05 1.77
N SER A 135 -8.00 10.75 2.02
CA SER A 135 -8.40 10.01 3.20
C SER A 135 -9.33 8.92 2.71
N VAL A 136 -9.10 7.69 3.16
CA VAL A 136 -9.86 6.56 2.66
C VAL A 136 -10.06 5.56 3.79
N GLN A 137 -11.31 5.18 4.03
CA GLN A 137 -11.67 4.20 5.04
C GLN A 137 -12.00 2.89 4.35
N GLY A 138 -11.27 1.84 4.68
CA GLY A 138 -11.45 0.55 4.05
C GLY A 138 -11.91 -0.52 5.02
N PHE A 139 -12.68 -1.47 4.51
CA PHE A 139 -13.26 -2.54 5.29
C PHE A 139 -12.88 -3.88 4.66
N ARG A 140 -13.14 -4.96 5.39
CA ARG A 140 -12.96 -6.31 4.87
C ARG A 140 -14.26 -6.79 4.26
N TYR A 141 -14.20 -7.22 3.01
CA TYR A 141 -15.38 -7.67 2.27
C TYR A 141 -15.49 -9.19 2.34
N PHE A 142 -16.26 -9.68 3.30
CA PHE A 142 -16.56 -11.11 3.52
C PHE A 142 -15.24 -11.85 3.76
N ASP A 143 -15.05 -13.04 3.17
CA ASP A 143 -13.87 -13.85 3.44
C ASP A 143 -12.69 -13.37 2.59
N ASP A 144 -12.18 -12.20 2.96
CA ASP A 144 -11.01 -11.61 2.32
C ASP A 144 -11.17 -11.43 0.82
N ARG A 145 -12.34 -11.01 0.38
CA ARG A 145 -12.61 -10.79 -1.03
C ARG A 145 -12.56 -9.32 -1.37
N ASP A 146 -12.31 -9.03 -2.63
CA ASP A 146 -12.41 -7.67 -3.11
C ASP A 146 -13.80 -7.44 -3.68
N LEU A 147 -14.07 -6.23 -4.15
CA LEU A 147 -15.40 -5.93 -4.65
C LEU A 147 -15.70 -6.61 -5.98
N LEU A 148 -14.71 -7.28 -6.58
CA LEU A 148 -14.90 -8.08 -7.78
C LEU A 148 -15.31 -9.52 -7.48
N GLY A 149 -15.34 -9.92 -6.22
CA GLY A 149 -15.79 -11.25 -5.84
C GLY A 149 -14.74 -12.32 -5.68
N PHE A 150 -13.46 -12.00 -5.82
CA PHE A 150 -12.38 -12.96 -5.74
C PHE A 150 -11.60 -12.78 -4.44
N VAL A 151 -11.15 -13.89 -3.87
CA VAL A 151 -10.34 -13.82 -2.67
C VAL A 151 -9.00 -13.21 -3.04
N ASP A 152 -8.59 -12.18 -2.32
CA ASP A 152 -7.38 -11.43 -2.62
C ASP A 152 -6.39 -11.57 -1.47
N GLY A 153 -5.13 -11.81 -1.80
CA GLY A 153 -4.09 -11.98 -0.81
C GLY A 153 -3.63 -13.39 -0.56
N THR A 154 -4.08 -14.35 -1.37
CA THR A 154 -3.72 -15.75 -1.17
C THR A 154 -2.24 -15.99 -1.37
N GLU A 155 -1.64 -15.37 -2.39
CA GLU A 155 -0.26 -15.61 -2.76
C GLU A 155 0.72 -14.63 -2.11
N ASN A 156 0.35 -14.02 -0.99
CA ASN A 156 1.28 -13.16 -0.28
C ASN A 156 2.34 -14.00 0.43
N PRO A 157 3.60 -13.59 0.39
CA PRO A 157 4.63 -14.30 1.15
C PRO A 157 4.37 -14.17 2.65
N VAL A 158 4.78 -15.19 3.40
CA VAL A 158 4.52 -15.25 4.83
C VAL A 158 5.82 -15.48 5.59
N ALA A 159 5.86 -14.94 6.80
CA ALA A 159 6.95 -15.15 7.77
C ALA A 159 8.27 -14.71 7.16
N GLN A 160 9.29 -15.56 7.09
CA GLN A 160 10.61 -15.13 6.62
C GLN A 160 10.55 -14.67 5.17
N ALA A 161 9.71 -15.28 4.36
CA ALA A 161 9.54 -14.87 2.97
C ALA A 161 9.09 -13.41 2.87
N ALA A 162 8.08 -13.02 3.66
CA ALA A 162 7.65 -11.63 3.66
C ALA A 162 8.75 -10.71 4.19
N VAL A 163 9.52 -11.18 5.16
CA VAL A 163 10.61 -10.38 5.72
C VAL A 163 11.64 -10.08 4.67
N ASP A 164 12.06 -11.10 3.91
CA ASP A 164 13.02 -10.85 2.84
C ASP A 164 12.39 -10.15 1.65
N ALA A 165 11.07 -10.17 1.54
CA ALA A 165 10.44 -9.46 0.45
C ALA A 165 10.37 -7.96 0.70
N THR A 166 10.21 -7.52 1.95
CA THR A 166 9.94 -6.13 2.25
C THR A 166 11.11 -5.34 2.83
N LEU A 167 11.83 -5.87 3.80
CA LEU A 167 12.83 -5.08 4.53
C LEU A 167 14.12 -4.94 3.74
N ILE A 168 14.67 -3.72 3.72
CA ILE A 168 15.93 -3.47 3.05
C ILE A 168 17.08 -4.08 3.84
N GLY A 169 17.98 -4.76 3.13
CA GLY A 169 19.14 -5.37 3.74
C GLY A 169 20.37 -4.50 3.70
N GLU A 170 21.53 -5.15 3.57
CA GLU A 170 22.78 -4.40 3.57
C GLU A 170 22.99 -3.60 2.30
N GLU A 171 22.23 -3.87 1.24
CA GLU A 171 22.43 -3.17 -0.03
C GLU A 171 22.40 -1.66 0.13
N ASP A 172 21.55 -1.15 1.02
CA ASP A 172 21.62 0.23 1.52
C ASP A 172 21.78 0.12 3.02
N HIS A 173 23.02 -0.08 3.48
CA HIS A 173 23.30 -0.35 4.89
C HIS A 173 22.80 0.74 5.83
N THR A 174 22.76 1.99 5.39
CA THR A 174 22.25 3.05 6.25
C THR A 174 20.78 2.85 6.57
N PHE A 175 19.98 2.50 5.57
CA PHE A 175 18.55 2.37 5.73
C PHE A 175 18.10 0.92 5.87
N SER A 176 18.96 0.05 6.38
CA SER A 176 18.58 -1.33 6.56
C SER A 176 17.44 -1.43 7.57
N GLY A 177 16.46 -2.26 7.26
CA GLY A 177 15.26 -2.38 8.06
C GLY A 177 14.11 -1.56 7.55
N GLY A 178 14.34 -0.63 6.64
CA GLY A 178 13.27 0.15 6.05
C GLY A 178 12.59 -0.63 4.93
N SER A 179 11.73 0.08 4.20
CA SER A 179 10.98 -0.53 3.12
C SER A 179 10.57 0.56 2.15
N TYR A 180 9.94 0.15 1.06
CA TYR A 180 9.33 1.06 0.10
C TYR A 180 7.89 0.65 -0.10
N VAL A 181 7.04 1.59 -0.44
CA VAL A 181 5.63 1.27 -0.64
C VAL A 181 5.12 2.09 -1.82
N ILE A 182 4.21 1.49 -2.59
CA ILE A 182 3.51 2.17 -3.67
C ILE A 182 2.02 2.02 -3.42
N VAL A 183 1.30 3.13 -3.45
CA VAL A 183 -0.13 3.17 -3.16
C VAL A 183 -0.85 3.66 -4.40
N GLN A 184 -1.94 2.99 -4.75
CA GLN A 184 -2.80 3.37 -5.84
C GLN A 184 -4.24 3.26 -5.37
N LYS A 185 -5.09 4.08 -5.93
CA LYS A 185 -6.52 4.05 -5.67
C LYS A 185 -7.24 3.69 -6.97
N TYR A 186 -8.15 2.72 -6.89
CA TYR A 186 -8.89 2.25 -8.04
C TYR A 186 -10.38 2.49 -7.81
N LEU A 187 -11.09 2.75 -8.91
CA LEU A 187 -12.54 2.87 -8.94
C LEU A 187 -13.09 1.81 -9.88
N HIS A 188 -14.05 1.03 -9.42
CA HIS A 188 -14.58 -0.10 -10.17
C HIS A 188 -15.92 0.23 -10.80
N ASP A 189 -16.20 -0.43 -11.93
CA ASP A 189 -17.51 -0.41 -12.59
C ASP A 189 -18.07 -1.83 -12.48
N LEU A 190 -18.78 -2.09 -11.38
CA LEU A 190 -19.22 -3.44 -11.08
C LEU A 190 -20.29 -3.92 -12.05
N ASP A 191 -21.02 -3.01 -12.70
CA ASP A 191 -21.99 -3.44 -13.70
C ASP A 191 -21.30 -4.09 -14.89
N LYS A 192 -20.28 -3.42 -15.43
CA LYS A 192 -19.50 -3.98 -16.52
C LYS A 192 -18.82 -5.25 -16.11
N TRP A 193 -18.28 -5.30 -14.89
CA TRP A 193 -17.61 -6.51 -14.41
C TRP A 193 -18.59 -7.67 -14.25
N ASN A 194 -19.79 -7.40 -13.72
CA ASN A 194 -20.77 -8.45 -13.49
C ASN A 194 -21.45 -8.93 -14.77
N ALA A 195 -21.42 -8.14 -15.84
CA ALA A 195 -21.93 -8.62 -17.11
C ALA A 195 -21.09 -9.79 -17.64
N ILE A 196 -19.79 -9.81 -17.36
CA ILE A 196 -18.92 -10.90 -17.83
C ILE A 196 -19.23 -12.18 -17.08
N PRO A 197 -19.27 -13.33 -17.76
CA PRO A 197 -19.54 -14.60 -17.06
C PRO A 197 -18.43 -14.95 -16.07
N VAL A 198 -18.75 -15.91 -15.20
CA VAL A 198 -17.83 -16.29 -14.13
C VAL A 198 -16.59 -16.96 -14.68
N GLU A 199 -16.77 -17.87 -15.66
CA GLU A 199 -15.62 -18.60 -16.19
C GLU A 199 -14.65 -17.65 -16.89
N GLN A 200 -15.19 -16.62 -17.54
CA GLN A 200 -14.31 -15.65 -18.18
C GLN A 200 -13.59 -14.82 -17.11
N GLN A 201 -14.34 -14.30 -16.13
CA GLN A 201 -13.70 -13.55 -15.06
C GLN A 201 -12.59 -14.37 -14.41
N GLU A 202 -12.75 -15.70 -14.43
CA GLU A 202 -11.77 -16.56 -13.79
C GLU A 202 -10.56 -16.74 -14.68
N LYS A 203 -10.75 -16.64 -16.00
CA LYS A 203 -9.59 -16.57 -16.89
C LYS A 203 -8.88 -15.23 -16.74
N ILE A 204 -9.63 -14.16 -16.52
CA ILE A 204 -9.05 -12.83 -16.35
C ILE A 204 -8.24 -12.75 -15.07
N ILE A 205 -8.65 -13.45 -14.03
CA ILE A 205 -7.91 -13.41 -12.78
C ILE A 205 -6.85 -14.48 -12.75
N GLY A 206 -7.22 -15.72 -13.05
CA GLY A 206 -6.29 -16.83 -13.01
C GLY A 206 -6.64 -17.85 -11.95
N ARG A 207 -7.72 -17.63 -11.19
CA ARG A 207 -8.09 -18.53 -10.12
C ARG A 207 -9.59 -18.77 -10.19
N GLU A 208 -10.07 -19.69 -9.38
CA GLU A 208 -11.50 -19.95 -9.32
C GLU A 208 -12.14 -18.93 -8.42
N LYS A 209 -13.42 -18.66 -8.63
CA LYS A 209 -14.09 -17.61 -7.87
C LYS A 209 -14.54 -18.09 -6.50
N LEU A 210 -15.31 -19.15 -6.43
CA LEU A 210 -15.85 -19.60 -5.15
C LEU A 210 -14.84 -20.38 -4.34
N SER A 211 -14.14 -21.33 -4.98
CA SER A 211 -13.21 -22.19 -4.27
C SER A 211 -11.84 -21.56 -4.02
N ASP A 212 -11.47 -20.49 -4.74
CA ASP A 212 -10.16 -19.84 -4.60
C ASP A 212 -9.01 -20.80 -4.91
N ILE A 213 -9.15 -21.59 -5.95
CA ILE A 213 -8.10 -22.51 -6.35
C ILE A 213 -7.49 -21.96 -7.64
N GLU A 214 -6.18 -21.97 -7.70
CA GLU A 214 -5.48 -21.48 -8.87
C GLU A 214 -5.77 -22.38 -10.06
N LEU A 215 -6.03 -21.76 -11.21
CA LEU A 215 -6.27 -22.50 -12.43
C LEU A 215 -5.00 -23.20 -12.88
N LYS A 216 -5.17 -24.32 -13.58
CA LYS A 216 -4.03 -25.02 -14.14
C LYS A 216 -3.42 -24.17 -15.24
N ASP A 217 -2.10 -24.29 -15.41
CA ASP A 217 -1.38 -23.41 -16.34
C ASP A 217 -1.90 -23.52 -17.76
N ALA A 218 -2.45 -24.68 -18.13
CA ALA A 218 -2.92 -24.87 -19.49
C ALA A 218 -4.09 -23.96 -19.83
N ASP A 219 -5.05 -23.80 -18.91
CA ASP A 219 -6.28 -23.07 -19.17
C ASP A 219 -6.25 -21.64 -18.68
N LYS A 220 -5.08 -21.00 -18.65
CA LYS A 220 -5.00 -19.59 -18.30
C LYS A 220 -4.43 -18.79 -19.47
N PRO A 221 -5.01 -17.66 -19.81
CA PRO A 221 -4.46 -16.85 -20.90
C PRO A 221 -3.19 -16.14 -20.47
N SER A 222 -2.46 -15.64 -21.47
CA SER A 222 -1.23 -14.92 -21.18
C SER A 222 -1.53 -13.62 -20.44
N TYR A 223 -2.72 -13.07 -20.62
CA TYR A 223 -3.11 -11.83 -19.97
C TYR A 223 -3.81 -12.07 -18.62
N ALA A 224 -3.66 -13.24 -18.03
CA ALA A 224 -4.21 -13.48 -16.71
C ALA A 224 -3.50 -12.58 -15.71
N HIS A 225 -4.26 -12.05 -14.75
CA HIS A 225 -3.69 -11.09 -13.80
C HIS A 225 -2.55 -11.70 -12.99
N ASN A 226 -2.74 -12.92 -12.48
CA ASN A 226 -1.72 -13.55 -11.67
C ASN A 226 -0.59 -14.14 -12.51
N VAL A 227 -0.63 -13.91 -13.81
CA VAL A 227 0.44 -14.28 -14.73
C VAL A 227 1.30 -13.07 -15.05
N LEU A 228 0.67 -11.94 -15.35
CA LEU A 228 1.40 -10.71 -15.61
C LEU A 228 2.03 -10.11 -14.35
N THR A 229 1.53 -10.46 -13.18
CA THR A 229 2.10 -10.04 -11.91
C THR A 229 3.11 -11.02 -11.35
N SER A 230 3.40 -12.10 -12.07
CA SER A 230 4.41 -13.08 -11.65
C SER A 230 5.69 -12.82 -12.43
N ILE A 231 6.65 -12.17 -11.76
CA ILE A 231 7.93 -11.82 -12.38
C ILE A 231 9.05 -12.59 -11.69
N GLU A 232 10.18 -12.66 -12.38
CA GLU A 232 11.35 -13.39 -11.90
C GLU A 232 12.59 -12.55 -12.02
N GLU A 233 13.54 -12.78 -11.11
CA GLU A 233 14.85 -12.17 -11.15
C GLU A 233 15.88 -13.29 -11.07
N ASP A 234 16.75 -13.35 -12.07
CA ASP A 234 17.78 -14.39 -12.15
C ASP A 234 17.18 -15.80 -12.07
N GLY A 235 16.03 -15.98 -12.71
CA GLY A 235 15.39 -17.28 -12.74
C GLY A 235 14.71 -17.71 -11.46
N GLU A 236 14.57 -16.81 -10.49
CA GLU A 236 13.90 -17.09 -9.22
C GLU A 236 12.72 -16.16 -9.05
N ASP A 237 11.62 -16.71 -8.52
CA ASP A 237 10.43 -15.91 -8.29
C ASP A 237 10.69 -14.90 -7.18
N VAL A 238 10.24 -13.66 -7.40
CA VAL A 238 10.33 -12.61 -6.41
C VAL A 238 8.93 -12.17 -6.03
N ASP A 239 8.77 -11.77 -4.78
CA ASP A 239 7.47 -11.48 -4.21
C ASP A 239 7.41 -10.07 -3.65
N ILE A 240 6.21 -9.49 -3.71
CA ILE A 240 5.89 -8.25 -3.04
C ILE A 240 4.79 -8.56 -2.04
N LEU A 241 4.56 -7.64 -1.12
CA LEU A 241 3.55 -7.79 -0.08
C LEU A 241 2.43 -6.80 -0.36
N ARG A 242 1.20 -7.31 -0.48
CA ARG A 242 0.04 -6.48 -0.80
C ARG A 242 -0.96 -6.54 0.34
N ASP A 243 -1.63 -5.41 0.57
CA ASP A 243 -2.71 -5.29 1.55
C ASP A 243 -3.87 -4.51 0.95
N ASN A 244 -4.32 -4.92 -0.23
CA ASN A 244 -5.42 -4.23 -0.91
C ASN A 244 -6.67 -4.21 -0.04
N MET A 245 -7.36 -3.08 -0.05
CA MET A 245 -8.52 -2.91 0.81
C MET A 245 -9.71 -2.37 0.03
N PRO A 246 -10.87 -3.02 0.12
CA PRO A 246 -12.08 -2.46 -0.49
C PRO A 246 -12.54 -1.20 0.20
N PHE A 247 -13.23 -0.34 -0.54
CA PHE A 247 -13.79 0.86 0.07
C PHE A 247 -14.90 1.39 -0.81
N GLY A 248 -15.65 2.34 -0.28
CA GLY A 248 -16.64 3.03 -1.07
C GLY A 248 -17.83 3.46 -0.24
N ASP A 249 -18.76 4.09 -0.92
CA ASP A 249 -20.03 4.55 -0.39
C ASP A 249 -21.12 4.22 -1.41
N PRO A 250 -22.06 3.33 -1.07
CA PRO A 250 -23.14 3.03 -2.03
C PRO A 250 -24.02 4.23 -2.32
N GLY A 251 -24.21 5.12 -1.35
CA GLY A 251 -25.10 6.25 -1.53
C GLY A 251 -24.59 7.26 -2.53
N LYS A 252 -23.29 7.28 -2.80
CA LYS A 252 -22.71 8.13 -3.83
C LYS A 252 -22.30 7.36 -5.07
N GLY A 253 -22.27 6.03 -5.01
CA GLY A 253 -21.93 5.19 -6.14
C GLY A 253 -20.49 4.78 -6.26
N GLU A 254 -19.69 4.96 -5.21
CA GLU A 254 -18.26 4.69 -5.25
C GLU A 254 -18.00 3.29 -4.69
N PHE A 255 -17.40 2.45 -5.52
CA PHE A 255 -16.96 1.10 -5.19
C PHE A 255 -15.53 0.98 -5.69
N GLY A 256 -14.56 0.86 -4.78
CA GLY A 256 -13.18 0.89 -5.18
C GLY A 256 -12.31 -0.04 -4.36
N THR A 257 -11.05 -0.14 -4.81
CA THR A 257 -10.03 -0.93 -4.15
C THR A 257 -8.79 -0.06 -3.99
N TYR A 258 -8.24 -0.03 -2.78
CA TYR A 258 -7.00 0.69 -2.50
C TYR A 258 -5.85 -0.30 -2.59
N PHE A 259 -4.97 -0.13 -3.56
CA PHE A 259 -3.81 -1.00 -3.68
C PHE A 259 -2.64 -0.42 -2.90
N ILE A 260 -2.05 -1.23 -2.03
CA ILE A 260 -0.85 -0.85 -1.32
C ILE A 260 0.14 -2.00 -1.44
N GLY A 261 1.34 -1.72 -1.96
CA GLY A 261 2.33 -2.75 -2.17
C GLY A 261 3.67 -2.42 -1.53
N TYR A 262 4.19 -3.34 -0.72
CA TYR A 262 5.46 -3.16 -0.04
C TYR A 262 6.56 -3.95 -0.73
N SER A 263 7.73 -3.35 -0.87
CA SER A 263 8.84 -4.04 -1.50
C SER A 263 10.15 -3.39 -1.09
N ARG A 264 11.15 -4.23 -0.80
CA ARG A 264 12.50 -3.76 -0.55
C ARG A 264 13.10 -3.14 -1.80
N LYS A 265 12.63 -3.51 -2.98
CA LYS A 265 13.08 -2.93 -4.24
C LYS A 265 11.86 -2.46 -5.01
N PRO A 266 11.61 -1.15 -5.12
CA PRO A 266 10.36 -0.71 -5.78
C PRO A 266 10.29 -0.97 -7.28
N ALA A 267 11.40 -1.39 -7.91
CA ALA A 267 11.36 -1.69 -9.34
C ALA A 267 10.55 -2.93 -9.63
N ARG A 268 10.43 -3.83 -8.66
CA ARG A 268 9.60 -5.01 -8.83
C ARG A 268 8.13 -4.62 -9.01
N ILE A 269 7.66 -3.69 -8.16
CA ILE A 269 6.29 -3.20 -8.28
C ILE A 269 6.12 -2.44 -9.57
N GLU A 270 7.10 -1.63 -9.94
CA GLU A 270 7.00 -0.89 -11.21
C GLU A 270 7.02 -1.82 -12.41
N ARG A 271 7.78 -2.92 -12.35
CA ARG A 271 7.77 -3.91 -13.41
C ARG A 271 6.41 -4.57 -13.55
N MET A 272 5.77 -4.90 -12.42
CA MET A 272 4.41 -5.44 -12.47
C MET A 272 3.46 -4.42 -13.06
N LEU A 273 3.58 -3.17 -12.65
CA LEU A 273 2.73 -2.11 -13.16
C LEU A 273 2.90 -1.88 -14.65
N GLU A 274 4.13 -2.05 -15.17
CA GLU A 274 4.35 -1.94 -16.61
C GLU A 274 3.80 -3.15 -17.36
N ASN A 275 3.94 -4.35 -16.80
CA ASN A 275 3.31 -5.51 -17.43
C ASN A 275 1.80 -5.39 -17.46
N MET A 276 1.21 -4.71 -16.48
CA MET A 276 -0.24 -4.54 -16.49
C MET A 276 -0.70 -3.43 -17.43
N PHE A 277 -0.23 -2.20 -17.21
CA PHE A 277 -0.76 -1.07 -17.95
C PHE A 277 -0.29 -1.07 -19.40
N VAL A 278 0.92 -1.54 -19.68
CA VAL A 278 1.46 -1.57 -21.03
C VAL A 278 1.30 -2.93 -21.68
N GLY A 279 1.61 -4.01 -20.97
CA GLY A 279 1.48 -5.34 -21.52
C GLY A 279 2.79 -6.10 -21.54
N ASN A 280 2.71 -7.42 -21.47
CA ASN A 280 3.89 -8.30 -21.53
C ASN A 280 3.51 -9.51 -22.36
N PRO A 281 3.56 -9.40 -23.68
CA PRO A 281 4.30 -8.38 -24.45
C PRO A 281 3.42 -7.17 -24.70
N PRO A 282 4.00 -6.01 -25.07
CA PRO A 282 3.18 -4.79 -25.26
C PRO A 282 1.88 -5.03 -26.00
N GLY A 283 0.81 -4.39 -25.52
CA GLY A 283 -0.51 -4.59 -26.05
C GLY A 283 -1.30 -5.62 -25.26
N ASN A 284 -0.62 -6.68 -24.79
CA ASN A 284 -1.23 -7.73 -23.99
C ASN A 284 -1.34 -7.28 -22.53
N TYR A 285 -2.24 -6.33 -22.31
CA TYR A 285 -2.39 -5.65 -21.04
C TYR A 285 -3.32 -6.46 -20.13
N ASP A 286 -3.67 -5.89 -18.98
CA ASP A 286 -4.51 -6.55 -17.97
C ASP A 286 -5.94 -6.06 -18.13
N ARG A 287 -6.89 -7.01 -18.24
CA ARG A 287 -8.32 -6.70 -18.40
C ARG A 287 -9.03 -6.33 -17.11
N ILE A 288 -8.38 -6.44 -15.95
CA ILE A 288 -8.94 -5.85 -14.75
C ILE A 288 -9.03 -4.35 -14.92
N LEU A 289 -8.06 -3.79 -15.63
CA LEU A 289 -8.06 -2.35 -15.89
C LEU A 289 -9.21 -1.95 -16.78
N ASP A 290 -9.87 -2.90 -17.44
CA ASP A 290 -11.06 -2.55 -18.21
C ASP A 290 -12.14 -2.00 -17.29
N VAL A 291 -12.29 -2.61 -16.11
CA VAL A 291 -13.31 -2.16 -15.15
C VAL A 291 -12.74 -1.35 -13.99
N SER A 292 -11.42 -1.28 -13.83
CA SER A 292 -10.79 -0.57 -12.73
C SER A 292 -10.01 0.62 -13.25
N ARG A 293 -10.26 1.79 -12.67
CA ARG A 293 -9.59 3.02 -13.05
C ARG A 293 -8.69 3.48 -11.91
N ALA A 294 -7.42 3.71 -12.22
CA ALA A 294 -6.47 4.22 -11.24
C ALA A 294 -6.48 5.74 -11.25
N ILE A 295 -6.67 6.34 -10.07
CA ILE A 295 -6.75 7.78 -9.95
C ILE A 295 -5.58 8.38 -9.16
N THR A 296 -4.98 7.63 -8.25
CA THR A 296 -3.83 8.12 -7.50
C THR A 296 -2.72 7.09 -7.58
N GLY A 297 -1.50 7.57 -7.39
CA GLY A 297 -0.33 6.71 -7.30
C GLY A 297 0.83 7.48 -6.73
N THR A 298 1.46 6.93 -5.69
CA THR A 298 2.55 7.62 -5.02
C THR A 298 3.51 6.58 -4.47
N LEU A 299 4.76 6.98 -4.30
CA LEU A 299 5.81 6.13 -3.74
C LEU A 299 6.31 6.76 -2.45
N PHE A 300 6.50 5.95 -1.43
CA PHE A 300 6.94 6.40 -0.12
C PHE A 300 8.06 5.49 0.36
N PHE A 301 8.93 6.04 1.19
CA PHE A 301 9.94 5.25 1.88
C PHE A 301 9.47 5.06 3.32
N ILE A 302 9.64 3.85 3.83
CA ILE A 302 9.15 3.50 5.15
C ILE A 302 10.34 3.31 6.08
N PRO A 303 10.70 4.30 6.91
CA PRO A 303 11.85 4.12 7.81
C PRO A 303 11.60 3.17 8.95
N THR A 304 12.63 2.90 9.74
CA THR A 304 12.54 2.01 10.88
C THR A 304 11.90 2.72 12.08
N VAL A 305 11.45 1.92 13.03
CA VAL A 305 10.95 2.48 14.28
C VAL A 305 12.07 3.17 15.03
N SER A 306 13.27 2.59 14.99
CA SER A 306 14.42 3.18 15.66
C SER A 306 14.75 4.54 15.08
N PHE A 307 14.71 4.66 13.75
CA PHE A 307 14.99 5.95 13.13
C PHE A 307 13.93 6.98 13.49
N LEU A 308 12.66 6.58 13.50
CA LEU A 308 11.58 7.51 13.81
C LEU A 308 11.65 8.00 15.25
N ASP A 309 11.92 7.10 16.19
CA ASP A 309 11.95 7.48 17.60
C ASP A 309 13.13 8.37 17.93
N SER A 310 14.21 8.29 17.16
CA SER A 310 15.40 9.08 17.42
C SER A 310 15.37 10.44 16.72
N VAL A 311 14.26 10.79 16.06
CA VAL A 311 14.16 12.06 15.36
C VAL A 311 13.87 13.16 16.37
N GLU A 312 14.69 14.21 16.35
CA GLU A 312 14.51 15.39 17.18
C GLU A 312 13.83 16.50 16.40
N PRO A 313 12.95 17.30 17.02
CA PRO A 313 12.26 18.36 16.27
C PRO A 313 13.19 19.46 15.79
N GLN A 314 14.36 19.66 16.44
CA GLN A 314 15.38 20.68 16.16
C GLN A 314 14.80 22.07 15.89
N PRO A 315 13.74 22.50 16.60
CA PRO A 315 13.03 23.76 16.37
C PRO A 315 13.88 24.94 15.90
#